data_2UXI
#
_entry.id   2UXI
#
_cell.length_a   47.221
_cell.length_b   230.614
_cell.length_c   43.942
_cell.angle_alpha   90.00
_cell.angle_beta   90.00
_cell.angle_gamma   90.00
#
_symmetry.space_group_name_H-M   'P 21 21 2'
#
loop_
_entity.id
_entity.type
_entity.pdbx_description
1 polymer 'HTH-TYPE TRANSCRIPTIONAL REGULATOR TTGR'
2 non-polymer 3-(4-HYDROXYPHENYL)-1-(2,4,6-TRIHYDROXYPHENYL)PROPAN-1-ONE
3 water water
#
_entity_poly.entity_id   1
_entity_poly.type   'polypeptide(L)'
_entity_poly.pdbx_seq_one_letter_code
;MVRRTKEEAQETRAQIIEAAERAFYKRGVARTTLADIAELAGVTRGAIYWHFNNKAELVQALLDSLHETHDHLARASESE
DEVDPLGCMRKLLLQVFNELVLDARTRRINEILHHKCEFTDDMCEIRQQRQSAVLDCHKGITLALANAVRRGQLPGELDA
ERAAVAMFAYVDGLIRRWLLLPDSVDLLGDVEKWVDTGLDMLRLSPALRK
;
_entity_poly.pdbx_strand_id   A,B
#
loop_
_chem_comp.id
_chem_comp.type
_chem_comp.name
_chem_comp.formula
G50 non-polymer 3-(4-HYDROXYPHENYL)-1-(2,4,6-TRIHYDROXYPHENYL)PROPAN-1-ONE 'C15 H14 O5'
#
# COMPACT_ATOMS: atom_id res chain seq x y z
N THR A 5 -10.11 29.31 -24.53
CA THR A 5 -10.01 29.40 -23.03
C THR A 5 -9.16 30.61 -22.64
N LYS A 6 -9.00 30.81 -21.32
CA LYS A 6 -8.37 32.04 -20.79
C LYS A 6 -7.05 31.83 -20.06
N GLU A 7 -6.14 32.78 -20.28
CA GLU A 7 -4.73 32.64 -19.92
C GLU A 7 -4.49 32.95 -18.45
N GLU A 8 -5.41 33.69 -17.85
CA GLU A 8 -5.27 34.13 -16.47
C GLU A 8 -5.66 32.97 -15.54
N ALA A 9 -6.78 32.35 -15.86
CA ALA A 9 -7.34 31.26 -15.07
C ALA A 9 -6.48 30.01 -15.07
N GLN A 10 -5.79 29.77 -16.19
CA GLN A 10 -4.85 28.69 -16.28
C GLN A 10 -3.81 28.87 -15.20
N GLU A 11 -3.13 30.01 -15.18
CA GLU A 11 -2.04 30.16 -14.23
C GLU A 11 -2.68 30.01 -12.88
N THR A 12 -3.92 30.50 -12.79
CA THR A 12 -4.70 30.50 -11.56
C THR A 12 -5.01 29.08 -11.16
N ARG A 13 -5.36 28.26 -12.14
CA ARG A 13 -5.68 26.87 -11.90
C ARG A 13 -4.42 26.19 -11.44
N ALA A 14 -3.33 26.45 -12.18
CA ALA A 14 -2.05 25.85 -11.95
C ALA A 14 -1.49 26.22 -10.60
N GLN A 15 -1.75 27.44 -10.16
CA GLN A 15 -1.30 27.96 -8.88
C GLN A 15 -2.02 27.37 -7.64
N ILE A 16 -3.21 26.79 -7.83
CA ILE A 16 -3.97 26.20 -6.73
C ILE A 16 -3.55 24.74 -6.54
N ILE A 17 -3.55 23.99 -7.64
CA ILE A 17 -3.00 22.66 -7.61
C ILE A 17 -1.64 22.70 -6.91
N GLU A 18 -0.62 23.29 -7.54
CA GLU A 18 0.73 23.31 -6.91
C GLU A 18 0.72 23.52 -5.37
N ALA A 19 -0.12 24.43 -4.87
CA ALA A 19 -0.15 24.76 -3.45
C ALA A 19 -0.97 23.76 -2.62
N ALA A 20 -1.82 23.00 -3.29
CA ALA A 20 -2.52 21.91 -2.63
C ALA A 20 -1.52 20.80 -2.28
N GLU A 21 -0.66 20.50 -3.23
CA GLU A 21 0.40 19.53 -3.04
C GLU A 21 1.26 19.93 -1.85
N ARG A 22 1.80 21.14 -1.87
CA ARG A 22 2.58 21.69 -0.73
C ARG A 22 1.80 21.62 0.58
N ALA A 23 0.49 21.92 0.51
CA ALA A 23 -0.42 22.01 1.65
C ALA A 23 -0.78 20.63 2.27
N PHE A 24 -1.12 19.65 1.43
CA PHE A 24 -1.36 18.28 1.90
C PHE A 24 -0.06 17.63 2.38
N TYR A 25 1.04 17.97 1.72
CA TYR A 25 2.32 17.41 2.12
C TYR A 25 2.67 17.71 3.61
N LYS A 26 2.40 18.94 4.06
CA LYS A 26 2.70 19.38 5.43
C LYS A 26 1.60 19.04 6.44
N ARG A 27 0.35 19.32 6.04
CA ARG A 27 -0.79 19.24 6.91
C ARG A 27 -1.67 18.01 6.64
N GLY A 28 -1.49 17.38 5.48
CA GLY A 28 -2.29 16.21 5.11
C GLY A 28 -3.72 16.57 4.71
N VAL A 29 -4.42 15.61 4.11
CA VAL A 29 -5.66 15.88 3.38
C VAL A 29 -6.91 16.01 4.27
N ALA A 30 -6.87 15.38 5.44
CA ALA A 30 -7.94 15.54 6.44
C ALA A 30 -8.04 16.94 7.11
N ARG A 31 -6.91 17.51 7.53
CA ARG A 31 -6.89 18.75 8.32
C ARG A 31 -6.51 20.01 7.52
N THR A 32 -6.82 19.98 6.23
CA THR A 32 -6.51 21.06 5.32
C THR A 32 -7.81 21.50 4.70
N THR A 33 -8.19 22.75 4.99
CA THR A 33 -9.35 23.39 4.35
C THR A 33 -8.91 24.11 3.07
N LEU A 34 -9.79 24.11 2.07
CA LEU A 34 -9.56 24.89 0.85
C LEU A 34 -9.21 26.33 1.18
N ALA A 35 -9.46 26.74 2.43
CA ALA A 35 -9.06 28.07 2.89
C ALA A 35 -7.54 28.16 3.15
N ASP A 36 -6.96 27.08 3.68
CA ASP A 36 -5.49 26.99 3.80
C ASP A 36 -4.90 27.17 2.41
N ILE A 37 -5.41 26.42 1.43
CA ILE A 37 -4.91 26.45 0.07
C ILE A 37 -4.99 27.88 -0.51
N ALA A 38 -5.89 28.69 0.05
CA ALA A 38 -6.05 30.10 -0.33
C ALA A 38 -4.80 30.91 -0.01
N GLU A 39 -4.67 31.31 1.24
CA GLU A 39 -3.55 32.17 1.70
C GLU A 39 -2.18 31.70 1.21
N LEU A 40 -2.06 30.38 1.02
CA LEU A 40 -0.85 29.77 0.48
C LEU A 40 -0.69 30.06 -1.02
N ALA A 41 -1.73 29.76 -1.80
CA ALA A 41 -1.74 30.02 -3.24
C ALA A 41 -1.71 31.51 -3.62
N GLY A 42 -2.28 32.32 -2.73
CA GLY A 42 -2.51 33.75 -2.97
C GLY A 42 -3.95 33.91 -3.37
N VAL A 43 -4.32 33.22 -4.47
CA VAL A 43 -5.60 33.42 -5.13
C VAL A 43 -6.70 33.63 -4.12
N THR A 44 -7.51 34.65 -4.36
CA THR A 44 -8.78 34.79 -3.68
C THR A 44 -9.50 33.43 -3.53
N ARG A 45 -10.20 33.24 -2.41
CA ARG A 45 -10.92 31.98 -2.10
C ARG A 45 -12.00 31.55 -3.12
N GLY A 46 -12.98 32.41 -3.38
CA GLY A 46 -14.05 32.12 -4.33
C GLY A 46 -13.61 31.61 -5.70
N ALA A 47 -12.36 31.87 -6.06
CA ALA A 47 -11.80 31.37 -7.31
C ALA A 47 -11.43 29.90 -7.17
N ILE A 48 -10.83 29.54 -6.03
CA ILE A 48 -10.59 28.14 -5.70
C ILE A 48 -11.93 27.43 -5.83
N TYR A 49 -13.01 28.21 -5.70
CA TYR A 49 -14.39 27.70 -5.74
C TYR A 49 -14.96 27.58 -7.14
N TRP A 50 -14.66 28.57 -7.96
CA TRP A 50 -14.93 28.47 -9.39
C TRP A 50 -14.18 27.22 -9.90
N HIS A 51 -12.89 27.16 -9.59
CA HIS A 51 -12.05 26.09 -10.07
C HIS A 51 -12.44 24.69 -9.58
N PHE A 52 -12.50 24.49 -8.26
CA PHE A 52 -12.90 23.22 -7.67
C PHE A 52 -13.91 23.48 -6.56
N ASN A 53 -14.85 22.56 -6.38
CA ASN A 53 -15.94 22.70 -5.40
C ASN A 53 -15.66 22.31 -3.92
N ASN A 54 -14.77 21.35 -3.70
CA ASN A 54 -14.47 20.76 -2.37
C ASN A 54 -13.03 20.20 -2.37
N LYS A 55 -12.78 19.13 -1.61
CA LYS A 55 -11.49 18.42 -1.68
C LYS A 55 -11.40 17.31 -2.72
N ALA A 56 -12.49 16.59 -2.95
CA ALA A 56 -12.45 15.43 -3.86
C ALA A 56 -12.13 15.79 -5.30
N GLU A 57 -12.43 17.03 -5.69
CA GLU A 57 -12.15 17.52 -7.02
C GLU A 57 -10.66 17.80 -7.18
N LEU A 58 -10.05 18.27 -6.09
CA LEU A 58 -8.67 18.70 -6.11
C LEU A 58 -7.72 17.52 -5.95
N VAL A 59 -7.99 16.68 -4.95
CA VAL A 59 -7.26 15.43 -4.80
C VAL A 59 -7.32 14.63 -6.12
N GLN A 60 -8.49 14.59 -6.73
CA GLN A 60 -8.70 13.91 -8.00
C GLN A 60 -7.73 14.41 -9.05
N ALA A 61 -7.51 15.72 -9.08
CA ALA A 61 -6.61 16.37 -10.05
C ALA A 61 -5.11 16.13 -9.77
N LEU A 62 -4.77 15.78 -8.54
CA LEU A 62 -3.41 15.37 -8.27
C LEU A 62 -3.19 13.99 -8.92
N LEU A 63 -4.14 13.08 -8.73
CA LEU A 63 -4.06 11.75 -9.34
C LEU A 63 -4.02 11.84 -10.83
N ASP A 64 -5.02 12.53 -11.37
CA ASP A 64 -5.08 12.74 -12.79
C ASP A 64 -3.70 13.19 -13.30
N SER A 65 -3.00 14.06 -12.55
CA SER A 65 -1.69 14.56 -12.99
C SER A 65 -0.62 13.46 -13.17
N LEU A 66 -0.59 12.54 -12.21
CA LEU A 66 0.38 11.43 -12.17
C LEU A 66 0.40 10.57 -13.43
N HIS A 67 -0.80 10.27 -13.92
CA HIS A 67 -0.95 9.40 -15.09
C HIS A 67 -0.23 9.93 -16.34
N GLU A 68 -0.10 11.25 -16.43
CA GLU A 68 0.13 11.86 -17.72
C GLU A 68 1.54 11.61 -18.38
N THR A 69 2.58 11.56 -17.56
CA THR A 69 3.93 11.39 -18.07
C THR A 69 4.02 9.99 -18.68
N HIS A 70 3.01 9.18 -18.37
CA HIS A 70 2.96 7.77 -18.80
C HIS A 70 1.88 7.44 -19.87
N ASP A 71 1.18 8.45 -20.36
CA ASP A 71 0.13 8.27 -21.35
C ASP A 71 0.53 7.33 -22.49
N HIS A 72 1.58 7.70 -23.20
CA HIS A 72 1.95 7.09 -24.46
C HIS A 72 2.28 5.59 -24.35
N LEU A 73 3.20 5.27 -23.46
CA LEU A 73 3.60 3.89 -23.21
C LEU A 73 2.43 3.00 -22.78
N ALA A 74 1.56 3.53 -21.90
CA ALA A 74 0.40 2.80 -21.38
C ALA A 74 -0.61 2.50 -22.46
N ARG A 75 -0.89 3.46 -23.34
CA ARG A 75 -1.74 3.13 -24.46
C ARG A 75 -1.04 2.34 -25.59
N ALA A 76 0.29 2.43 -25.70
CA ALA A 76 1.04 1.56 -26.62
C ALA A 76 0.84 0.14 -26.15
N SER A 77 1.25 -0.11 -24.90
CA SER A 77 1.10 -1.42 -24.26
C SER A 77 -0.31 -2.00 -24.36
N GLU A 78 -1.30 -1.12 -24.43
CA GLU A 78 -2.68 -1.54 -24.44
C GLU A 78 -3.21 -1.78 -25.86
N SER A 79 -2.49 -1.28 -26.86
CA SER A 79 -2.90 -1.41 -28.26
C SER A 79 -2.74 -2.86 -28.71
N GLU A 80 -3.79 -3.31 -29.39
CA GLU A 80 -3.82 -4.60 -30.03
C GLU A 80 -2.91 -4.67 -31.28
N ASP A 81 -2.66 -3.55 -31.97
CA ASP A 81 -1.70 -3.57 -33.10
C ASP A 81 -0.22 -3.39 -32.71
N GLU A 82 0.03 -3.03 -31.45
CA GLU A 82 1.38 -2.98 -30.91
C GLU A 82 2.06 -4.34 -30.98
N VAL A 83 3.14 -4.37 -31.73
CA VAL A 83 3.84 -5.63 -31.97
C VAL A 83 4.52 -6.17 -30.70
N ASP A 84 4.78 -5.28 -29.73
CA ASP A 84 5.53 -5.59 -28.48
C ASP A 84 4.80 -5.09 -27.21
N PRO A 85 3.68 -5.71 -26.86
CA PRO A 85 2.89 -5.09 -25.82
C PRO A 85 3.52 -5.31 -24.44
N LEU A 86 4.40 -6.30 -24.30
CA LEU A 86 5.10 -6.48 -23.03
C LEU A 86 6.31 -5.55 -22.99
N GLY A 87 6.74 -5.11 -24.17
CA GLY A 87 7.88 -4.23 -24.27
C GLY A 87 7.54 -2.89 -23.68
N CYS A 88 6.38 -2.39 -24.07
CA CYS A 88 5.92 -1.09 -23.61
C CYS A 88 5.74 -1.09 -22.10
N MET A 89 5.35 -2.24 -21.56
CA MET A 89 4.94 -2.37 -20.17
C MET A 89 6.17 -2.37 -19.32
N ARG A 90 7.21 -3.03 -19.83
CA ARG A 90 8.52 -2.97 -19.24
C ARG A 90 9.04 -1.53 -19.12
N LYS A 91 8.95 -0.77 -20.22
CA LYS A 91 9.49 0.58 -20.24
C LYS A 91 8.64 1.48 -19.33
N LEU A 92 7.32 1.43 -19.54
CA LEU A 92 6.38 2.08 -18.64
C LEU A 92 6.78 1.93 -17.18
N LEU A 93 6.96 0.70 -16.72
CA LEU A 93 7.38 0.45 -15.32
C LEU A 93 8.74 1.10 -14.97
N LEU A 94 9.65 1.15 -15.94
CA LEU A 94 10.95 1.83 -15.79
C LEU A 94 10.79 3.35 -15.53
N GLN A 95 9.94 3.98 -16.36
CA GLN A 95 9.65 5.38 -16.32
C GLN A 95 8.98 5.70 -14.99
N VAL A 96 8.00 4.88 -14.63
CA VAL A 96 7.26 5.06 -13.37
C VAL A 96 8.26 5.12 -12.23
N PHE A 97 9.11 4.12 -12.13
CA PHE A 97 10.05 4.12 -11.00
C PHE A 97 11.07 5.23 -11.12
N ASN A 98 11.56 5.45 -12.35
CA ASN A 98 12.56 6.47 -12.62
C ASN A 98 12.02 7.81 -12.21
N GLU A 99 10.81 8.11 -12.67
CA GLU A 99 10.08 9.32 -12.29
C GLU A 99 9.78 9.45 -10.79
N LEU A 100 9.63 8.34 -10.11
CA LEU A 100 9.33 8.38 -8.68
C LEU A 100 10.55 8.91 -7.95
N VAL A 101 11.74 8.37 -8.24
CA VAL A 101 12.98 8.78 -7.51
C VAL A 101 13.45 10.18 -7.90
N LEU A 102 13.16 10.58 -9.15
CA LEU A 102 13.75 11.81 -9.71
C LEU A 102 12.86 13.03 -9.51
N ASP A 103 11.63 12.90 -9.98
CA ASP A 103 10.70 13.99 -9.95
C ASP A 103 10.16 14.19 -8.53
N ALA A 104 10.76 15.15 -7.83
CA ALA A 104 10.26 15.58 -6.52
C ALA A 104 8.71 15.73 -6.48
N ARG A 105 8.12 16.24 -7.57
CA ARG A 105 6.66 16.43 -7.69
C ARG A 105 5.94 15.11 -7.56
N THR A 106 6.34 14.12 -8.35
CA THR A 106 5.77 12.77 -8.27
C THR A 106 5.90 12.02 -6.91
N ARG A 107 7.07 12.10 -6.28
CA ARG A 107 7.32 11.45 -4.99
C ARG A 107 6.42 12.04 -3.93
N ARG A 108 6.13 13.33 -4.03
CA ARG A 108 5.26 14.05 -3.09
C ARG A 108 3.78 13.71 -3.21
N ILE A 109 3.26 13.77 -4.44
CA ILE A 109 1.87 13.45 -4.65
C ILE A 109 1.67 12.01 -4.22
N ASN A 110 2.62 11.16 -4.52
CA ASN A 110 2.53 9.76 -4.10
C ASN A 110 2.50 9.66 -2.55
N GLU A 111 3.27 10.51 -1.89
CA GLU A 111 3.32 10.50 -0.45
C GLU A 111 1.98 10.97 0.14
N ILE A 112 1.49 12.07 -0.39
CA ILE A 112 0.12 12.52 -0.14
C ILE A 112 -0.86 11.36 -0.30
N LEU A 113 -0.85 10.73 -1.47
CA LEU A 113 -1.85 9.71 -1.80
C LEU A 113 -1.79 8.44 -0.95
N HIS A 114 -0.57 8.03 -0.62
CA HIS A 114 -0.37 6.83 0.15
C HIS A 114 -0.36 7.19 1.61
N HIS A 115 0.30 8.27 1.98
CA HIS A 115 0.53 8.41 3.39
C HIS A 115 -0.28 9.50 4.06
N LYS A 116 -0.78 10.44 3.28
CA LYS A 116 -1.43 11.60 3.87
C LYS A 116 -2.89 11.77 3.51
N CYS A 117 -3.60 10.70 3.22
CA CYS A 117 -4.95 10.86 2.68
C CYS A 117 -5.98 9.86 3.16
N GLU A 118 -6.50 10.13 4.35
CA GLU A 118 -7.45 9.25 5.02
C GLU A 118 -8.76 9.03 4.28
N PHE A 119 -9.31 7.83 4.44
CA PHE A 119 -10.66 7.49 4.04
C PHE A 119 -11.59 7.49 5.28
N THR A 120 -12.56 8.39 5.27
CA THR A 120 -13.60 8.48 6.30
C THR A 120 -14.99 8.32 5.62
N ASP A 121 -15.96 7.62 6.23
CA ASP A 121 -17.32 7.62 5.63
C ASP A 121 -18.07 8.94 5.72
N ASP A 122 -17.25 9.97 5.56
CA ASP A 122 -17.55 11.36 5.85
C ASP A 122 -16.85 12.10 4.71
N MET A 123 -15.71 11.54 4.28
CA MET A 123 -15.00 11.86 3.04
C MET A 123 -15.06 10.65 2.06
N CYS A 124 -16.29 10.42 1.61
CA CYS A 124 -16.61 9.29 0.78
C CYS A 124 -16.06 9.44 -0.64
N GLU A 125 -16.14 10.65 -1.17
CA GLU A 125 -15.66 10.95 -2.50
C GLU A 125 -14.16 10.63 -2.65
N ILE A 126 -13.41 10.61 -1.55
CA ILE A 126 -11.96 10.32 -1.66
C ILE A 126 -11.79 8.84 -1.92
N ARG A 127 -12.40 8.02 -1.07
CA ARG A 127 -12.48 6.58 -1.31
C ARG A 127 -13.08 6.20 -2.68
N GLN A 128 -14.29 6.69 -2.97
CA GLN A 128 -14.98 6.45 -4.26
C GLN A 128 -14.08 6.67 -5.51
N GLN A 129 -13.33 7.77 -5.49
CA GLN A 129 -12.39 8.12 -6.55
C GLN A 129 -11.26 7.11 -6.63
N ARG A 130 -10.66 6.87 -5.47
CA ARG A 130 -9.64 5.89 -5.36
C ARG A 130 -10.07 4.56 -5.96
N GLN A 131 -11.25 4.09 -5.59
CA GLN A 131 -11.69 2.79 -6.05
C GLN A 131 -11.74 2.78 -7.55
N SER A 132 -12.27 3.88 -8.08
CA SER A 132 -12.49 4.00 -9.49
C SER A 132 -11.19 4.05 -10.24
N ALA A 133 -10.26 4.83 -9.72
CA ALA A 133 -8.97 4.91 -10.36
C ALA A 133 -8.35 3.50 -10.52
N VAL A 134 -8.45 2.66 -9.49
CA VAL A 134 -7.69 1.43 -9.45
C VAL A 134 -8.34 0.48 -10.43
N LEU A 135 -9.66 0.50 -10.44
CA LEU A 135 -10.42 -0.24 -11.46
C LEU A 135 -10.04 0.14 -12.91
N ASP A 136 -9.85 1.44 -13.16
CA ASP A 136 -9.33 1.89 -14.47
C ASP A 136 -7.96 1.32 -14.74
N CYS A 137 -7.03 1.59 -13.83
CA CYS A 137 -5.70 1.06 -13.95
C CYS A 137 -5.75 -0.43 -14.13
N HIS A 138 -6.61 -1.09 -13.37
CA HIS A 138 -6.78 -2.53 -13.51
C HIS A 138 -7.19 -2.93 -14.97
N LYS A 139 -8.17 -2.21 -15.51
CA LYS A 139 -8.68 -2.42 -16.85
C LYS A 139 -7.54 -2.32 -17.90
N GLY A 140 -6.59 -1.42 -17.68
CA GLY A 140 -5.40 -1.34 -18.54
C GLY A 140 -4.37 -2.49 -18.47
N ILE A 141 -3.96 -2.89 -17.27
CA ILE A 141 -3.00 -3.98 -17.16
C ILE A 141 -3.50 -5.28 -17.76
N THR A 142 -4.79 -5.57 -17.52
CA THR A 142 -5.43 -6.75 -18.08
C THR A 142 -5.38 -6.72 -19.61
N LEU A 143 -5.82 -5.64 -20.28
CA LEU A 143 -5.76 -5.54 -21.76
C LEU A 143 -4.35 -5.79 -22.29
N ALA A 144 -3.39 -5.14 -21.65
CA ALA A 144 -2.01 -5.27 -22.02
C ALA A 144 -1.53 -6.71 -21.79
N LEU A 145 -1.79 -7.26 -20.59
CA LEU A 145 -1.42 -8.64 -20.31
C LEU A 145 -2.04 -9.59 -21.35
N ALA A 146 -3.31 -9.37 -21.70
CA ALA A 146 -3.97 -10.11 -22.80
C ALA A 146 -3.33 -9.95 -24.17
N ASN A 147 -2.85 -8.75 -24.49
CA ASN A 147 -2.08 -8.51 -25.74
C ASN A 147 -0.71 -9.17 -25.74
N ALA A 148 -0.12 -9.36 -24.56
CA ALA A 148 1.19 -9.99 -24.47
C ALA A 148 1.10 -11.52 -24.60
N VAL A 149 0.05 -12.11 -24.01
CA VAL A 149 -0.30 -13.53 -24.16
C VAL A 149 -0.49 -13.82 -25.64
N ARG A 150 -1.41 -13.09 -26.27
CA ARG A 150 -1.70 -13.25 -27.70
C ARG A 150 -0.43 -13.28 -28.49
N ARG A 151 0.46 -12.30 -28.28
CA ARG A 151 1.77 -12.21 -28.98
C ARG A 151 2.67 -13.38 -28.62
N GLY A 152 2.34 -14.10 -27.56
CA GLY A 152 3.08 -15.29 -27.20
C GLY A 152 4.22 -14.89 -26.33
N GLN A 153 4.11 -13.69 -25.75
CA GLN A 153 5.12 -13.13 -24.84
C GLN A 153 4.93 -13.52 -23.38
N LEU A 154 3.71 -13.91 -23.02
CA LEU A 154 3.39 -14.42 -21.68
C LEU A 154 2.80 -15.82 -21.82
N PRO A 155 3.01 -16.73 -20.83
CA PRO A 155 2.48 -18.08 -20.99
C PRO A 155 1.05 -18.11 -21.47
N GLY A 156 0.74 -19.15 -22.25
CA GLY A 156 -0.51 -19.28 -22.98
C GLY A 156 -1.74 -19.18 -22.13
N GLU A 157 -1.81 -20.02 -21.10
CA GLU A 157 -3.01 -20.06 -20.29
C GLU A 157 -2.89 -19.11 -19.08
N LEU A 158 -2.37 -17.90 -19.30
CA LEU A 158 -2.21 -16.97 -18.20
C LEU A 158 -3.56 -16.39 -17.80
N ASP A 159 -3.84 -16.36 -16.49
CA ASP A 159 -5.05 -15.71 -15.98
C ASP A 159 -4.74 -14.22 -15.96
N ALA A 160 -5.17 -13.55 -17.01
CA ALA A 160 -4.93 -12.14 -17.16
C ALA A 160 -5.46 -11.36 -15.98
N GLU A 161 -6.73 -11.56 -15.63
CA GLU A 161 -7.31 -10.77 -14.55
C GLU A 161 -6.54 -10.92 -13.24
N ARG A 162 -6.33 -12.15 -12.78
CA ARG A 162 -5.59 -12.33 -11.52
C ARG A 162 -4.19 -11.84 -11.71
N ALA A 163 -3.67 -11.96 -12.92
CA ALA A 163 -2.29 -11.62 -13.12
C ALA A 163 -2.14 -10.11 -12.94
N ALA A 164 -3.09 -9.33 -13.48
CA ALA A 164 -2.95 -7.86 -13.36
C ALA A 164 -2.93 -7.42 -11.91
N VAL A 165 -3.71 -8.11 -11.09
CA VAL A 165 -3.86 -7.74 -9.70
C VAL A 165 -2.58 -8.05 -8.98
N ALA A 166 -2.01 -9.21 -9.29
CA ALA A 166 -0.77 -9.66 -8.75
C ALA A 166 0.28 -8.60 -9.03
N MET A 167 0.40 -8.24 -10.32
CA MET A 167 1.35 -7.24 -10.73
C MET A 167 1.06 -5.91 -10.08
N PHE A 168 -0.20 -5.53 -10.12
CA PHE A 168 -0.61 -4.28 -9.51
C PHE A 168 -0.25 -4.20 -8.01
N ALA A 169 -0.41 -5.29 -7.27
CA ALA A 169 -0.16 -5.27 -5.83
C ALA A 169 1.33 -5.12 -5.52
N TYR A 170 2.16 -5.76 -6.35
CA TYR A 170 3.58 -5.80 -6.16
C TYR A 170 4.22 -4.41 -6.42
N VAL A 171 3.70 -3.69 -7.42
CA VAL A 171 4.22 -2.36 -7.71
C VAL A 171 3.74 -1.33 -6.68
N ASP A 172 2.44 -1.36 -6.39
CA ASP A 172 1.89 -0.42 -5.42
C ASP A 172 2.63 -0.59 -4.06
N GLY A 173 2.91 -1.84 -3.65
CA GLY A 173 3.54 -2.14 -2.39
C GLY A 173 5.00 -1.80 -2.39
N LEU A 174 5.60 -1.78 -3.59
CA LEU A 174 6.99 -1.50 -3.71
C LEU A 174 7.15 -0.01 -3.65
N ILE A 175 6.34 0.70 -4.41
CA ILE A 175 6.32 2.18 -4.31
C ILE A 175 6.17 2.69 -2.86
N ARG A 176 5.12 2.23 -2.17
CA ARG A 176 4.87 2.53 -0.73
C ARG A 176 5.99 2.15 0.24
N ARG A 177 6.65 1.02 0.03
CA ARG A 177 7.79 0.63 0.89
C ARG A 177 8.93 1.61 0.62
N TRP A 178 9.12 1.95 -0.65
CA TRP A 178 10.17 2.89 -0.99
C TRP A 178 9.87 4.27 -0.34
N LEU A 179 8.63 4.74 -0.47
CA LEU A 179 8.28 5.98 0.19
C LEU A 179 8.58 5.90 1.67
N LEU A 180 8.11 4.82 2.30
CA LEU A 180 8.28 4.60 3.73
C LEU A 180 9.75 4.52 4.18
N LEU A 181 10.58 3.73 3.48
CA LEU A 181 11.98 3.51 3.84
C LEU A 181 12.95 3.62 2.61
N PRO A 182 12.97 4.76 1.90
CA PRO A 182 13.71 4.80 0.64
C PRO A 182 15.09 4.19 0.74
N ASP A 183 15.82 4.54 1.80
CA ASP A 183 17.22 4.08 1.99
C ASP A 183 17.36 2.59 2.12
N SER A 184 16.27 1.87 1.89
CA SER A 184 16.25 0.42 2.01
C SER A 184 16.21 -0.24 0.65
N VAL A 185 15.52 0.39 -0.28
CA VAL A 185 15.36 -0.11 -1.63
C VAL A 185 16.12 0.89 -2.54
N ASP A 186 17.19 0.45 -3.19
CA ASP A 186 17.85 1.31 -4.19
C ASP A 186 17.03 1.27 -5.46
N LEU A 187 15.87 1.87 -5.37
CA LEU A 187 14.91 1.82 -6.46
C LEU A 187 15.56 2.28 -7.76
N LEU A 188 16.36 3.36 -7.70
CA LEU A 188 17.01 3.91 -8.90
C LEU A 188 18.19 3.05 -9.37
N GLY A 189 19.07 2.65 -8.46
CA GLY A 189 20.22 1.85 -8.83
C GLY A 189 19.91 0.48 -9.41
N ASP A 190 18.92 -0.25 -8.85
CA ASP A 190 18.62 -1.63 -9.27
C ASP A 190 17.32 -1.70 -10.06
N VAL A 191 16.89 -0.54 -10.53
CA VAL A 191 15.58 -0.35 -11.16
C VAL A 191 15.14 -1.44 -12.12
N GLU A 192 16.07 -1.96 -12.92
CA GLU A 192 15.79 -3.04 -13.85
C GLU A 192 15.39 -4.31 -13.10
N LYS A 193 16.07 -4.62 -11.99
CA LYS A 193 15.75 -5.86 -11.26
C LYS A 193 14.34 -5.80 -10.71
N TRP A 194 13.96 -4.63 -10.17
CA TRP A 194 12.66 -4.48 -9.55
C TRP A 194 11.53 -4.67 -10.54
N VAL A 195 11.66 -4.10 -11.74
CA VAL A 195 10.68 -4.31 -12.77
C VAL A 195 10.56 -5.81 -13.10
N ASP A 196 11.70 -6.42 -13.43
CA ASP A 196 11.79 -7.79 -13.96
C ASP A 196 11.23 -8.79 -12.99
N THR A 197 11.51 -8.57 -11.71
CA THR A 197 10.99 -9.43 -10.65
C THR A 197 9.49 -9.57 -10.69
N GLY A 198 8.82 -8.46 -10.97
CA GLY A 198 7.37 -8.41 -11.01
C GLY A 198 6.95 -9.06 -12.30
N LEU A 199 7.61 -8.68 -13.40
CA LEU A 199 7.40 -9.35 -14.66
C LEU A 199 7.67 -10.85 -14.56
N ASP A 200 8.76 -11.27 -13.88
CA ASP A 200 9.08 -12.70 -13.76
C ASP A 200 7.86 -13.42 -13.13
N MET A 201 7.27 -12.83 -12.09
CA MET A 201 6.13 -13.46 -11.46
C MET A 201 4.98 -13.62 -12.46
N LEU A 202 4.80 -12.70 -13.40
CA LEU A 202 3.72 -12.83 -14.37
C LEU A 202 3.98 -13.98 -15.31
N ARG A 203 5.25 -14.26 -15.58
CA ARG A 203 5.52 -15.20 -16.62
C ARG A 203 5.85 -16.59 -16.14
N LEU A 204 6.34 -16.69 -14.91
CA LEU A 204 6.87 -17.95 -14.47
C LEU A 204 5.95 -18.66 -13.53
N SER A 205 5.29 -17.91 -12.66
CA SER A 205 4.43 -18.48 -11.63
C SER A 205 3.30 -19.35 -12.21
N PRO A 206 3.25 -20.61 -11.78
CA PRO A 206 2.16 -21.52 -12.12
C PRO A 206 0.79 -21.15 -11.60
N ALA A 207 0.73 -20.57 -10.39
CA ALA A 207 -0.54 -20.20 -9.73
C ALA A 207 -1.38 -19.15 -10.45
N LEU A 208 -0.73 -18.26 -11.20
CA LEU A 208 -1.40 -17.24 -12.02
C LEU A 208 -1.91 -17.76 -13.36
N ARG A 209 -1.84 -19.07 -13.57
CA ARG A 209 -2.33 -19.67 -14.79
C ARG A 209 -3.77 -20.22 -14.72
N LYS A 210 -4.44 -20.17 -15.87
CA LYS A 210 -5.78 -20.75 -16.15
C LYS A 210 -6.86 -19.68 -16.13
N LYS B 6 -8.17 -5.17 41.78
CA LYS B 6 -8.31 -6.50 41.08
C LYS B 6 -8.51 -6.28 39.59
N GLU B 7 -9.64 -6.83 39.14
CA GLU B 7 -10.06 -6.94 37.73
C GLU B 7 -10.57 -5.66 37.02
N GLU B 8 -10.61 -4.52 37.72
CA GLU B 8 -11.09 -3.29 37.08
C GLU B 8 -10.05 -2.50 36.27
N ALA B 9 -9.14 -1.82 36.96
CA ALA B 9 -8.18 -0.93 36.32
C ALA B 9 -7.49 -1.58 35.10
N GLN B 10 -7.31 -2.88 35.19
CA GLN B 10 -6.56 -3.63 34.19
C GLN B 10 -7.43 -3.99 33.00
N GLU B 11 -8.73 -4.19 33.14
CA GLU B 11 -9.66 -4.46 32.03
C GLU B 11 -10.10 -3.20 31.28
N THR B 12 -9.97 -2.03 31.93
CA THR B 12 -10.25 -0.77 31.26
C THR B 12 -9.30 -0.58 30.07
N ARG B 13 -8.09 -1.12 30.17
CA ARG B 13 -7.13 -0.98 29.10
C ARG B 13 -7.66 -1.55 27.81
N ALA B 14 -8.14 -2.78 27.87
CA ALA B 14 -8.72 -3.43 26.70
C ALA B 14 -10.02 -2.74 26.24
N GLN B 15 -10.73 -2.05 27.13
CA GLN B 15 -11.88 -1.25 26.73
C GLN B 15 -11.45 0.06 26.08
N ILE B 16 -10.27 0.58 26.40
CA ILE B 16 -9.79 1.81 25.78
C ILE B 16 -9.34 1.54 24.34
N ILE B 17 -8.49 0.54 24.17
CA ILE B 17 -8.15 0.06 22.86
C ILE B 17 -9.37 -0.17 21.98
N GLU B 18 -10.42 -0.77 22.52
CA GLU B 18 -11.55 -1.08 21.66
C GLU B 18 -12.27 0.16 21.24
N ALA B 19 -12.26 1.19 22.07
CA ALA B 19 -12.99 2.39 21.72
C ALA B 19 -12.13 3.22 20.79
N ALA B 20 -10.82 3.06 20.98
CA ALA B 20 -9.83 3.70 20.13
C ALA B 20 -9.96 3.22 18.69
N GLU B 21 -10.45 1.98 18.52
CA GLU B 21 -10.62 1.37 17.21
C GLU B 21 -11.84 1.89 16.47
N ARG B 22 -12.96 1.96 17.14
CA ARG B 22 -14.17 2.55 16.60
C ARG B 22 -13.96 4.04 16.25
N ALA B 23 -13.39 4.78 17.20
CA ALA B 23 -13.09 6.18 17.02
C ALA B 23 -12.21 6.38 15.80
N PHE B 24 -11.11 5.66 15.75
CA PHE B 24 -10.20 5.73 14.61
C PHE B 24 -10.91 5.30 13.32
N TYR B 25 -11.79 4.33 13.42
CA TYR B 25 -12.40 3.81 12.23
C TYR B 25 -13.39 4.80 11.57
N LYS B 26 -14.26 5.39 12.40
CA LYS B 26 -15.22 6.39 11.95
C LYS B 26 -14.56 7.76 11.58
N ARG B 27 -13.71 8.29 12.46
CA ARG B 27 -13.17 9.64 12.27
C ARG B 27 -11.75 9.75 11.64
N GLY B 28 -10.91 8.74 11.84
CA GLY B 28 -9.53 8.80 11.37
C GLY B 28 -8.62 9.17 12.52
N VAL B 29 -7.38 8.72 12.46
CA VAL B 29 -6.37 9.01 13.49
C VAL B 29 -6.08 10.51 13.63
N ALA B 30 -5.93 11.19 12.47
CA ALA B 30 -5.51 12.57 12.43
C ALA B 30 -6.40 13.40 13.31
N ARG B 31 -7.70 13.25 13.13
CA ARG B 31 -8.66 14.13 13.79
C ARG B 31 -9.26 13.61 15.09
N THR B 32 -8.96 12.37 15.45
CA THR B 32 -9.40 11.84 16.75
C THR B 32 -8.49 12.41 17.83
N THR B 33 -9.03 12.63 19.03
CA THR B 33 -8.22 13.01 20.20
C THR B 33 -8.58 12.05 21.32
N LEU B 34 -7.72 12.01 22.33
CA LEU B 34 -7.92 11.25 23.54
C LEU B 34 -9.29 11.47 24.09
N ALA B 35 -9.70 12.73 24.10
CA ALA B 35 -10.97 13.11 24.64
C ALA B 35 -12.03 12.32 23.91
N ASP B 36 -11.93 12.18 22.58
CA ASP B 36 -12.96 11.47 21.80
C ASP B 36 -13.05 10.01 22.25
N ILE B 37 -11.90 9.40 22.49
CA ILE B 37 -11.82 8.02 22.94
C ILE B 37 -12.33 7.82 24.38
N ALA B 38 -12.02 8.77 25.26
CA ALA B 38 -12.46 8.67 26.63
C ALA B 38 -14.01 8.66 26.69
N GLU B 39 -14.65 9.61 26.01
CA GLU B 39 -16.11 9.65 25.97
C GLU B 39 -16.69 8.34 25.43
N LEU B 40 -16.02 7.76 24.45
CA LEU B 40 -16.48 6.52 23.85
C LEU B 40 -16.31 5.33 24.78
N ALA B 41 -15.24 5.33 25.58
CA ALA B 41 -14.95 4.28 26.54
C ALA B 41 -15.76 4.45 27.79
N GLY B 42 -16.20 5.68 28.04
CA GLY B 42 -16.91 6.03 29.26
C GLY B 42 -15.95 6.22 30.42
N VAL B 43 -14.68 6.50 30.16
CA VAL B 43 -13.75 6.81 31.25
C VAL B 43 -13.27 8.25 31.15
N THR B 44 -12.23 8.60 31.89
CA THR B 44 -11.73 9.96 31.84
C THR B 44 -10.44 9.91 31.05
N ARG B 45 -10.00 11.05 30.53
CA ARG B 45 -8.68 11.15 29.92
C ARG B 45 -7.52 10.75 30.88
N GLY B 46 -7.78 10.82 32.20
CA GLY B 46 -6.86 10.28 33.23
C GLY B 46 -6.73 8.77 33.21
N ALA B 47 -7.85 8.07 33.22
CA ALA B 47 -7.81 6.62 32.99
C ALA B 47 -7.00 6.26 31.73
N ILE B 48 -7.16 7.02 30.65
CA ILE B 48 -6.36 6.74 29.46
C ILE B 48 -4.89 7.01 29.72
N TYR B 49 -4.56 8.18 30.25
CA TYR B 49 -3.15 8.54 30.46
C TYR B 49 -2.41 7.55 31.34
N TRP B 50 -3.18 6.79 32.10
CA TRP B 50 -2.64 5.80 33.00
C TRP B 50 -2.03 4.53 32.32
N HIS B 51 -2.51 4.23 31.11
CA HIS B 51 -1.97 3.13 30.34
C HIS B 51 -1.22 3.65 29.12
N PHE B 52 -1.56 4.86 28.69
CA PHE B 52 -1.08 5.42 27.42
C PHE B 52 -0.61 6.86 27.54
N ASN B 53 0.68 7.09 27.28
CA ASN B 53 1.24 8.43 27.46
C ASN B 53 0.73 9.42 26.44
N ASN B 54 0.26 8.92 25.29
CA ASN B 54 -0.27 9.74 24.21
C ASN B 54 -0.96 8.88 23.16
N LYS B 55 -1.44 9.53 22.07
CA LYS B 55 -2.20 8.88 21.00
C LYS B 55 -1.39 7.96 20.10
N ALA B 56 -0.07 8.10 20.16
CA ALA B 56 0.79 7.27 19.35
C ALA B 56 0.94 5.92 20.02
N GLU B 57 0.78 5.85 21.33
CA GLU B 57 0.85 4.55 21.98
C GLU B 57 -0.36 3.71 21.63
N LEU B 58 -1.54 4.31 21.70
CA LEU B 58 -2.76 3.64 21.26
C LEU B 58 -2.60 3.07 19.88
N VAL B 59 -2.26 3.92 18.91
CA VAL B 59 -2.05 3.48 17.55
C VAL B 59 -1.10 2.30 17.52
N GLN B 60 0.03 2.48 18.23
CA GLN B 60 1.07 1.49 18.34
C GLN B 60 0.43 0.20 18.81
N ALA B 61 -0.41 0.31 19.82
CA ALA B 61 -1.09 -0.84 20.38
C ALA B 61 -2.11 -1.46 19.42
N LEU B 62 -2.70 -0.68 18.52
CA LEU B 62 -3.50 -1.31 17.47
C LEU B 62 -2.58 -2.16 16.62
N LEU B 63 -1.38 -1.65 16.34
CA LEU B 63 -0.47 -2.31 15.41
C LEU B 63 0.14 -3.58 15.99
N ASP B 64 0.67 -3.49 17.20
CA ASP B 64 1.25 -4.65 17.89
C ASP B 64 0.23 -5.77 18.14
N SER B 65 -1.08 -5.45 18.17
CA SER B 65 -2.08 -6.50 18.30
C SER B 65 -2.20 -7.41 17.06
N LEU B 66 -1.80 -6.92 15.89
CA LEU B 66 -1.85 -7.72 14.63
C LEU B 66 -0.92 -8.92 14.63
N HIS B 67 0.18 -8.87 15.39
CA HIS B 67 1.17 -9.95 15.39
C HIS B 67 0.79 -11.20 16.15
N GLU B 68 -0.19 -11.11 17.06
CA GLU B 68 -0.42 -12.19 18.01
C GLU B 68 -0.77 -13.52 17.36
N THR B 69 -1.71 -13.54 16.43
CA THR B 69 -2.23 -14.79 15.86
C THR B 69 -1.20 -15.60 15.07
N HIS B 70 -0.25 -14.93 14.44
CA HIS B 70 0.77 -15.55 13.60
C HIS B 70 2.06 -15.86 14.35
N ASP B 71 2.16 -15.33 15.56
CA ASP B 71 3.36 -15.34 16.39
C ASP B 71 4.15 -16.63 16.24
N HIS B 72 3.46 -17.73 16.48
CA HIS B 72 4.11 -19.00 16.53
C HIS B 72 4.55 -19.53 15.18
N LEU B 73 3.65 -19.46 14.19
CA LEU B 73 4.00 -19.86 12.84
C LEU B 73 5.18 -19.00 12.37
N ALA B 74 5.18 -17.74 12.78
CA ALA B 74 6.24 -16.82 12.42
C ALA B 74 7.59 -17.29 12.98
N ARG B 75 7.61 -17.43 14.32
CA ARG B 75 8.80 -17.83 15.06
C ARG B 75 9.40 -19.16 14.53
N ALA B 76 8.52 -20.09 14.18
CA ALA B 76 8.89 -21.32 13.50
C ALA B 76 9.68 -21.05 12.21
N SER B 77 9.11 -20.26 11.29
CA SER B 77 9.73 -19.97 10.02
C SER B 77 11.15 -19.50 10.24
N GLU B 78 11.36 -18.76 11.32
CA GLU B 78 12.63 -18.07 11.57
C GLU B 78 13.63 -18.95 12.31
N SER B 79 13.16 -20.14 12.75
CA SER B 79 13.97 -21.10 13.50
C SER B 79 14.83 -21.93 12.57
N GLU B 80 16.09 -22.07 12.92
CA GLU B 80 17.02 -22.81 12.08
C GLU B 80 16.85 -24.32 12.21
N ASP B 81 16.00 -24.75 13.14
CA ASP B 81 15.81 -26.16 13.45
C ASP B 81 14.44 -26.72 12.97
N GLU B 82 13.71 -25.93 12.20
CA GLU B 82 12.39 -26.33 11.66
C GLU B 82 12.56 -26.90 10.25
N VAL B 83 12.26 -28.17 10.07
CA VAL B 83 12.47 -28.82 8.77
C VAL B 83 11.54 -28.31 7.62
N ASP B 84 10.47 -27.60 7.97
CA ASP B 84 9.55 -27.11 6.94
C ASP B 84 9.48 -25.56 6.83
N PRO B 85 10.63 -24.83 6.84
CA PRO B 85 10.49 -23.37 7.01
C PRO B 85 9.63 -22.67 5.93
N LEU B 86 9.76 -23.08 4.67
CA LEU B 86 8.99 -22.46 3.57
C LEU B 86 7.53 -22.85 3.73
N GLY B 87 7.26 -24.11 4.09
CA GLY B 87 5.92 -24.62 4.45
C GLY B 87 5.27 -23.88 5.62
N CYS B 88 6.09 -23.46 6.57
CA CYS B 88 5.65 -22.59 7.66
C CYS B 88 5.28 -21.17 7.21
N MET B 89 6.00 -20.68 6.20
CA MET B 89 5.70 -19.38 5.64
C MET B 89 4.44 -19.46 4.77
N ARG B 90 4.16 -20.62 4.21
CA ARG B 90 2.88 -20.84 3.54
C ARG B 90 1.73 -20.85 4.53
N LYS B 91 1.92 -21.43 5.71
CA LYS B 91 0.79 -21.56 6.63
C LYS B 91 0.45 -20.21 7.24
N LEU B 92 1.48 -19.40 7.41
CA LEU B 92 1.32 -18.05 7.96
C LEU B 92 0.59 -17.14 6.98
N LEU B 93 1.01 -17.16 5.72
CA LEU B 93 0.41 -16.32 4.71
C LEU B 93 -1.06 -16.67 4.56
N LEU B 94 -1.38 -17.98 4.52
CA LEU B 94 -2.77 -18.48 4.55
C LEU B 94 -3.56 -17.98 5.77
N GLN B 95 -2.92 -17.95 6.92
CA GLN B 95 -3.61 -17.49 8.12
C GLN B 95 -3.78 -15.98 8.09
N VAL B 96 -2.74 -15.25 7.65
CA VAL B 96 -2.86 -13.79 7.49
C VAL B 96 -4.04 -13.46 6.59
N PHE B 97 -4.11 -14.13 5.47
CA PHE B 97 -5.24 -13.87 4.61
C PHE B 97 -6.55 -14.44 5.13
N ASN B 98 -6.54 -15.57 5.87
CA ASN B 98 -7.80 -16.05 6.46
C ASN B 98 -8.27 -15.11 7.56
N GLU B 99 -7.36 -14.67 8.41
CA GLU B 99 -7.75 -13.82 9.48
C GLU B 99 -8.29 -12.53 8.88
N LEU B 100 -7.82 -12.16 7.71
CA LEU B 100 -8.19 -10.85 7.20
C LEU B 100 -9.63 -10.89 6.75
N VAL B 101 -10.00 -11.98 6.08
CA VAL B 101 -11.33 -12.10 5.51
C VAL B 101 -12.39 -12.46 6.57
N LEU B 102 -11.97 -13.08 7.66
CA LEU B 102 -12.95 -13.64 8.57
C LEU B 102 -13.15 -12.75 9.79
N ASP B 103 -12.07 -12.13 10.24
CA ASP B 103 -12.12 -11.34 11.44
C ASP B 103 -12.34 -9.85 11.17
N ALA B 104 -13.57 -9.42 11.42
CA ALA B 104 -13.94 -8.01 11.33
C ALA B 104 -12.89 -7.14 12.01
N ARG B 105 -12.40 -7.59 13.18
CA ARG B 105 -11.45 -6.84 14.01
C ARG B 105 -10.04 -6.65 13.38
N THR B 106 -9.48 -7.69 12.79
CA THR B 106 -8.29 -7.59 11.97
C THR B 106 -8.51 -6.71 10.72
N ARG B 107 -9.66 -6.85 10.07
CA ARG B 107 -9.94 -6.12 8.85
C ARG B 107 -9.90 -4.65 9.19
N ARG B 108 -10.55 -4.30 10.29
CA ARG B 108 -10.63 -2.91 10.65
C ARG B 108 -9.37 -2.31 11.24
N ILE B 109 -8.51 -3.09 11.92
CA ILE B 109 -7.24 -2.48 12.35
C ILE B 109 -6.42 -2.22 11.09
N ASN B 110 -6.42 -3.18 10.16
CA ASN B 110 -5.74 -3.01 8.88
C ASN B 110 -6.27 -1.85 8.08
N GLU B 111 -7.58 -1.64 8.15
CA GLU B 111 -8.22 -0.60 7.35
C GLU B 111 -7.86 0.77 7.95
N ILE B 112 -7.68 0.80 9.27
CA ILE B 112 -7.18 1.98 9.99
C ILE B 112 -5.74 2.31 9.67
N LEU B 113 -4.88 1.30 9.67
CA LEU B 113 -3.45 1.48 9.40
C LEU B 113 -3.20 1.95 7.97
N HIS B 114 -3.91 1.37 7.01
CA HIS B 114 -3.69 1.70 5.61
C HIS B 114 -4.50 2.89 5.07
N HIS B 115 -5.63 3.25 5.64
CA HIS B 115 -6.51 4.16 4.87
C HIS B 115 -7.11 5.24 5.73
N LYS B 116 -6.85 5.17 7.01
CA LYS B 116 -7.14 6.20 7.95
C LYS B 116 -5.74 6.39 8.39
N CYS B 117 -5.43 7.19 9.37
CA CYS B 117 -3.99 7.21 9.76
C CYS B 117 -2.84 7.92 9.02
N GLU B 118 -3.05 9.16 8.60
CA GLU B 118 -1.97 9.99 8.01
C GLU B 118 -0.64 10.03 8.74
N PHE B 119 0.44 10.09 7.99
CA PHE B 119 1.71 10.47 8.55
C PHE B 119 1.79 11.97 8.36
N THR B 120 1.63 12.68 9.47
CA THR B 120 1.79 14.13 9.53
C THR B 120 2.99 14.41 10.42
N ASP B 121 3.56 15.59 10.29
CA ASP B 121 4.77 15.94 11.05
C ASP B 121 4.45 16.53 12.42
N ASP B 122 3.16 16.77 12.72
CA ASP B 122 2.76 17.21 14.06
C ASP B 122 2.75 16.01 15.03
N MET B 123 2.72 14.80 14.43
CA MET B 123 2.75 13.55 15.17
C MET B 123 3.52 12.52 14.34
N CYS B 124 4.85 12.62 14.35
CA CYS B 124 5.73 11.82 13.48
C CYS B 124 6.14 10.46 14.03
N GLU B 125 5.69 10.13 15.23
CA GLU B 125 6.00 8.81 15.79
C GLU B 125 5.14 7.73 15.17
N ILE B 126 4.08 8.12 14.48
CA ILE B 126 3.24 7.14 13.78
C ILE B 126 4.08 6.69 12.62
N ARG B 127 4.78 7.62 12.01
CA ARG B 127 5.63 7.26 10.89
C ARG B 127 6.85 6.45 11.36
N GLN B 128 7.54 6.95 12.38
CA GLN B 128 8.72 6.28 12.93
C GLN B 128 8.41 4.87 13.42
N GLN B 129 7.32 4.77 14.17
CA GLN B 129 6.75 3.50 14.61
C GLN B 129 6.49 2.56 13.45
N ARG B 130 5.92 3.09 12.38
CA ARG B 130 5.65 2.28 11.20
C ARG B 130 6.91 1.83 10.47
N GLN B 131 7.86 2.75 10.28
CA GLN B 131 9.12 2.41 9.65
C GLN B 131 9.75 1.24 10.38
N SER B 132 9.91 1.45 11.68
CA SER B 132 10.57 0.51 12.56
C SER B 132 9.86 -0.82 12.57
N ALA B 133 8.53 -0.80 12.52
CA ALA B 133 7.72 -2.02 12.47
C ALA B 133 7.98 -2.81 11.21
N VAL B 134 8.12 -2.09 10.08
CA VAL B 134 8.41 -2.72 8.76
C VAL B 134 9.85 -3.22 8.65
N LEU B 135 10.80 -2.54 9.27
CA LEU B 135 12.16 -3.10 9.39
C LEU B 135 12.19 -4.45 10.09
N ASP B 136 11.56 -4.55 11.26
CA ASP B 136 11.55 -5.78 12.06
C ASP B 136 10.84 -6.95 11.35
N CYS B 137 9.84 -6.62 10.53
CA CYS B 137 9.13 -7.59 9.71
C CYS B 137 9.97 -8.01 8.51
N HIS B 138 10.66 -7.06 7.87
CA HIS B 138 11.67 -7.37 6.86
C HIS B 138 12.74 -8.33 7.41
N LYS B 139 13.33 -8.02 8.55
CA LYS B 139 14.38 -8.90 9.12
C LYS B 139 13.87 -10.32 9.38
N GLY B 140 12.62 -10.42 9.82
CA GLY B 140 11.98 -11.72 9.99
C GLY B 140 11.86 -12.51 8.71
N ILE B 141 11.43 -11.83 7.64
CA ILE B 141 11.25 -12.47 6.33
C ILE B 141 12.57 -12.95 5.78
N THR B 142 13.60 -12.15 5.97
CA THR B 142 14.94 -12.50 5.47
C THR B 142 15.40 -13.86 6.07
N LEU B 143 15.20 -14.05 7.37
CA LEU B 143 15.70 -15.24 8.03
C LEU B 143 14.95 -16.48 7.56
N ALA B 144 13.62 -16.36 7.55
CA ALA B 144 12.79 -17.37 6.96
C ALA B 144 13.35 -17.70 5.57
N LEU B 145 13.49 -16.69 4.72
CA LEU B 145 14.08 -16.84 3.38
C LEU B 145 15.38 -17.65 3.29
N ALA B 146 16.36 -17.28 4.13
CA ALA B 146 17.60 -18.03 4.33
C ALA B 146 17.37 -19.47 4.82
N ASN B 147 16.59 -19.62 5.88
CA ASN B 147 16.23 -20.98 6.36
C ASN B 147 15.72 -21.96 5.30
N ALA B 148 14.88 -21.49 4.38
CA ALA B 148 14.38 -22.33 3.32
C ALA B 148 15.51 -22.66 2.33
N VAL B 149 16.41 -21.69 2.17
CA VAL B 149 17.53 -21.86 1.25
C VAL B 149 18.54 -22.85 1.82
N ARG B 150 18.92 -22.67 3.09
CA ARG B 150 19.74 -23.68 3.80
C ARG B 150 19.09 -25.04 3.71
N ARG B 151 17.99 -25.16 2.96
CA ARG B 151 17.21 -26.39 3.01
C ARG B 151 16.73 -26.99 1.70
N GLY B 152 17.22 -26.50 0.56
CA GLY B 152 16.77 -27.02 -0.72
C GLY B 152 15.34 -26.62 -1.08
N GLN B 153 14.67 -25.87 -0.21
CA GLN B 153 13.30 -25.38 -0.50
C GLN B 153 13.28 -24.18 -1.44
N LEU B 154 14.33 -23.35 -1.36
CA LEU B 154 14.45 -22.18 -2.21
C LEU B 154 15.86 -22.11 -2.81
N PRO B 155 15.97 -21.74 -4.10
CA PRO B 155 17.22 -21.58 -4.85
C PRO B 155 18.40 -20.98 -4.08
N GLY B 156 19.56 -21.63 -4.20
CA GLY B 156 20.78 -21.25 -3.51
C GLY B 156 21.35 -19.94 -3.99
N GLU B 157 22.00 -19.25 -3.05
CA GLU B 157 22.44 -17.88 -3.27
C GLU B 157 21.33 -17.08 -3.99
N LEU B 158 20.08 -17.23 -3.53
CA LEU B 158 19.01 -16.33 -3.95
C LEU B 158 19.27 -15.09 -3.13
N ASP B 159 18.79 -13.94 -3.61
CA ASP B 159 18.95 -12.73 -2.85
C ASP B 159 17.84 -12.70 -1.79
N ALA B 160 18.28 -12.94 -0.57
CA ALA B 160 17.44 -12.82 0.61
C ALA B 160 16.77 -11.44 0.67
N GLU B 161 17.60 -10.45 0.93
CA GLU B 161 17.16 -9.06 1.13
C GLU B 161 16.09 -8.62 0.16
N ARG B 162 16.37 -8.73 -1.13
CA ARG B 162 15.45 -8.26 -2.16
C ARG B 162 14.25 -9.15 -2.20
N ALA B 163 14.44 -10.47 -2.04
CA ALA B 163 13.32 -11.39 -2.11
C ALA B 163 12.39 -11.01 -0.97
N ALA B 164 12.98 -10.68 0.18
CA ALA B 164 12.24 -10.26 1.35
C ALA B 164 11.36 -9.08 1.06
N VAL B 165 11.92 -8.05 0.41
CA VAL B 165 11.17 -6.85 0.03
C VAL B 165 10.11 -7.12 -1.03
N ALA B 166 10.43 -7.93 -2.03
CA ALA B 166 9.47 -8.30 -3.11
C ALA B 166 8.27 -8.99 -2.47
N MET B 167 8.58 -9.81 -1.48
CA MET B 167 7.57 -10.58 -0.81
C MET B 167 6.64 -9.64 -0.01
N PHE B 168 7.21 -8.84 0.88
CA PHE B 168 6.45 -7.78 1.59
C PHE B 168 5.62 -6.94 0.60
N ALA B 169 6.25 -6.42 -0.45
CA ALA B 169 5.56 -5.52 -1.37
C ALA B 169 4.26 -6.12 -1.86
N TYR B 170 4.38 -7.36 -2.32
CA TYR B 170 3.33 -8.11 -2.92
C TYR B 170 2.21 -8.41 -1.96
N VAL B 171 2.53 -8.73 -0.71
CA VAL B 171 1.51 -9.02 0.30
C VAL B 171 0.86 -7.73 0.83
N ASP B 172 1.68 -6.74 1.21
CA ASP B 172 1.13 -5.43 1.59
C ASP B 172 0.18 -4.97 0.48
N GLY B 173 0.63 -5.01 -0.78
CA GLY B 173 -0.15 -4.46 -1.84
C GLY B 173 -1.41 -5.25 -2.08
N LEU B 174 -1.36 -6.56 -1.86
CA LEU B 174 -2.58 -7.35 -2.03
C LEU B 174 -3.59 -7.01 -0.92
N ILE B 175 -3.13 -7.03 0.32
CA ILE B 175 -4.00 -6.73 1.48
C ILE B 175 -4.66 -5.40 1.25
N ARG B 176 -3.88 -4.39 0.88
CA ARG B 176 -4.38 -3.06 0.71
C ARG B 176 -5.35 -3.08 -0.46
N ARG B 177 -5.15 -3.97 -1.43
CA ARG B 177 -6.04 -3.98 -2.59
C ARG B 177 -7.39 -4.64 -2.24
N TRP B 178 -7.35 -5.66 -1.37
CA TRP B 178 -8.58 -6.33 -0.99
C TRP B 178 -9.38 -5.38 -0.09
N LEU B 179 -8.64 -4.65 0.74
CA LEU B 179 -9.15 -3.57 1.54
C LEU B 179 -9.78 -2.45 0.79
N LEU B 180 -9.37 -2.22 -0.45
CA LEU B 180 -10.05 -1.23 -1.28
C LEU B 180 -11.16 -1.90 -2.04
N LEU B 181 -10.88 -2.96 -2.79
CA LEU B 181 -11.90 -3.60 -3.60
C LEU B 181 -11.97 -5.09 -3.25
N PRO B 182 -12.89 -5.44 -2.39
CA PRO B 182 -13.14 -6.79 -1.96
C PRO B 182 -13.77 -7.67 -3.00
N ASP B 183 -14.88 -7.24 -3.62
CA ASP B 183 -15.58 -8.08 -4.61
C ASP B 183 -14.72 -8.35 -5.83
N SER B 184 -13.53 -7.76 -5.86
CA SER B 184 -12.64 -7.87 -7.03
C SER B 184 -11.51 -8.88 -6.79
N VAL B 185 -11.43 -9.37 -5.55
CA VAL B 185 -10.44 -10.37 -5.19
C VAL B 185 -11.23 -11.32 -4.33
N ASP B 186 -11.47 -12.53 -4.82
CA ASP B 186 -12.03 -13.57 -3.96
C ASP B 186 -10.87 -14.16 -3.16
N LEU B 187 -10.31 -13.29 -2.34
CA LEU B 187 -9.25 -13.60 -1.42
C LEU B 187 -9.48 -14.84 -0.55
N LEU B 188 -10.71 -15.06 -0.09
CA LEU B 188 -11.01 -16.27 0.67
C LEU B 188 -11.10 -17.50 -0.21
N GLY B 189 -11.93 -17.46 -1.25
CA GLY B 189 -12.12 -18.64 -2.10
C GLY B 189 -10.83 -19.16 -2.73
N ASP B 190 -9.82 -18.29 -2.85
CA ASP B 190 -8.58 -18.65 -3.53
C ASP B 190 -7.33 -18.33 -2.68
N VAL B 191 -7.44 -18.41 -1.34
CA VAL B 191 -6.22 -18.13 -0.55
C VAL B 191 -4.99 -18.85 -1.11
N GLU B 192 -5.14 -20.14 -1.37
CA GLU B 192 -4.05 -20.93 -1.89
C GLU B 192 -3.40 -20.31 -3.13
N LYS B 193 -4.16 -20.05 -4.19
CA LYS B 193 -3.60 -19.40 -5.40
C LYS B 193 -2.82 -18.13 -5.12
N TRP B 194 -3.43 -17.23 -4.36
CA TRP B 194 -2.84 -15.93 -4.05
C TRP B 194 -1.55 -16.07 -3.25
N VAL B 195 -1.49 -17.04 -2.34
CA VAL B 195 -0.27 -17.17 -1.52
C VAL B 195 0.86 -17.65 -2.41
N ASP B 196 0.56 -18.67 -3.23
CA ASP B 196 1.60 -19.37 -3.98
C ASP B 196 2.08 -18.46 -5.10
N THR B 197 1.19 -17.63 -5.64
CA THR B 197 1.67 -16.62 -6.60
C THR B 197 2.92 -15.95 -5.97
N GLY B 198 2.80 -15.42 -4.76
CA GLY B 198 3.92 -14.79 -4.11
C GLY B 198 5.05 -15.76 -3.87
N LEU B 199 4.71 -16.99 -3.47
CA LEU B 199 5.75 -18.01 -3.30
C LEU B 199 6.47 -18.32 -4.61
N ASP B 200 5.72 -18.51 -5.67
CA ASP B 200 6.28 -18.78 -6.99
C ASP B 200 7.33 -17.74 -7.40
N MET B 201 7.08 -16.48 -7.06
CA MET B 201 8.01 -15.40 -7.37
C MET B 201 9.35 -15.71 -6.73
N LEU B 202 9.33 -15.86 -5.42
CA LEU B 202 10.57 -16.03 -4.67
C LEU B 202 11.42 -17.17 -5.19
N ARG B 203 10.77 -18.24 -5.66
CA ARG B 203 11.49 -19.45 -6.04
C ARG B 203 11.70 -19.56 -7.53
N LEU B 204 11.09 -18.71 -8.33
CA LEU B 204 11.13 -18.92 -9.78
C LEU B 204 11.68 -17.73 -10.56
N SER B 205 11.85 -16.61 -9.87
CA SER B 205 12.25 -15.38 -10.51
C SER B 205 13.77 -15.33 -10.62
N PRO B 206 14.30 -15.28 -11.88
CA PRO B 206 15.77 -15.14 -12.02
C PRO B 206 16.26 -13.77 -11.55
N ALA B 207 15.45 -12.74 -11.74
CA ALA B 207 15.75 -11.38 -11.25
C ALA B 207 15.95 -11.28 -9.75
N LEU B 208 15.36 -12.20 -9.01
CA LEU B 208 15.55 -12.26 -7.55
C LEU B 208 16.81 -13.01 -7.15
N ARG B 209 17.57 -13.46 -8.16
CA ARG B 209 18.85 -14.16 -7.96
C ARG B 209 20.09 -13.26 -8.12
N LYS B 210 21.25 -13.75 -7.71
CA LYS B 210 22.48 -12.92 -7.65
C LYS B 210 23.17 -12.69 -8.99
C1 G50 C . -1.66 0.56 -17.79
C2 G50 C . -0.97 -0.12 -18.78
C3 G50 C . 0.22 -0.75 -18.50
C4 G50 C . 0.72 -0.71 -17.22
C5 G50 C . 0.05 -0.03 -16.18
C6 G50 C . -1.17 0.61 -16.48
C7 G50 C . 0.67 -0.02 -14.75
C8 G50 C . 0.72 1.23 -13.82
C9 G50 C . 1.06 0.79 -12.31
O1 G50 C . -1.90 1.29 -15.56
O2 G50 C . 1.18 -1.06 -14.34
C10 G50 C . 1.13 2.03 -11.39
C11 G50 C . 1.65 3.22 -11.93
C12 G50 C . 1.71 4.37 -11.17
C13 G50 C . 1.30 4.36 -9.84
C14 G50 C . 0.79 3.18 -9.28
C15 G50 C . 0.70 2.01 -10.05
O3 G50 C . 1.39 5.52 -9.15
O4 G50 C . -1.44 -0.15 -20.04
O5 G50 C . 1.90 -1.34 -17.02
C1 G50 D . -0.25 -6.86 9.56
C2 G50 D . 0.73 -7.81 9.86
C3 G50 D . 2.06 -7.39 9.98
C4 G50 D . 2.41 -6.03 9.81
C5 G50 D . 1.42 -5.08 9.50
C6 G50 D . 0.09 -5.51 9.39
C7 G50 D . 1.86 -3.58 9.34
C8 G50 D . 1.56 -2.74 8.07
C9 G50 D . 2.85 -2.28 7.42
O1 G50 D . -0.92 -4.64 9.10
O2 G50 D . 2.50 -3.02 10.25
C10 G50 D . 2.70 -1.03 6.54
C11 G50 D . 2.08 0.11 7.02
C12 G50 D . 1.96 1.22 6.19
C13 G50 D . 2.44 1.20 4.87
C14 G50 D . 3.04 0.03 4.40
C15 G50 D . 3.17 -1.07 5.23
O3 G50 D . 2.33 2.30 4.07
O4 G50 D . 0.41 -9.13 10.01
O5 G50 D . 3.71 -5.65 9.93
C1 G50 E . 7.58 -13.74 9.51
C2 G50 E . 8.06 -15.02 9.24
C3 G50 E . 7.85 -15.60 8.00
C4 G50 E . 7.18 -14.92 7.01
C5 G50 E . 6.70 -13.64 7.26
C6 G50 E . 6.90 -13.05 8.52
C7 G50 E . 5.95 -12.89 6.15
C8 G50 E . 4.75 -12.04 6.51
C9 G50 E . 4.33 -11.20 5.30
O1 G50 E . 6.45 -11.81 8.79
O2 G50 E . 6.30 -12.97 4.97
C10 G50 E . 3.40 -10.07 5.76
C11 G50 E . 3.93 -8.84 6.20
C12 G50 E . 3.07 -7.82 6.63
C13 G50 E . 1.70 -8.06 6.56
C14 G50 E . 1.16 -9.26 6.12
C15 G50 E . 2.02 -10.28 5.71
O3 G50 E . 0.84 -7.12 6.92
O4 G50 E . 8.71 -15.70 10.20
O5 G50 E . 6.99 -15.49 5.79
#